data_5AR0
#
_entry.id   5AR0
#
_cell.length_a   47.880
_cell.length_b   80.545
_cell.length_c   92.979
_cell.angle_alpha   90.00
_cell.angle_beta   90.00
_cell.angle_gamma   90.00
#
_symmetry.space_group_name_H-M   'P 21 21 21'
#
loop_
_entity.id
_entity.type
_entity.pdbx_description
1 polymer 'HEAT SHOCK 70 KDA PROTEIN 1A'
2 non-polymer (2R,3R,4S,5R)-2-(6-amino-8-((quinolin-7-ylmethyl)amino)-9H-purin-9-yl)-5-(hydroxymethyl)tetrahydrofuran-3,4-diol
3 non-polymer GLYCEROL
4 non-polymer 'DIMETHYL SULFOXIDE'
5 non-polymer 'CHLORIDE ION'
6 water water
#
_entity_poly.entity_id   1
_entity_poly.type   'polypeptide(L)'
_entity_poly.pdbx_seq_one_letter_code
;GPLGSMAKAAAIGIDLGTTYSCVGVFQHGKVEIIANDQGNRTTPSYVAFTDTERLIGDAAKNQVALNPQNTVFDAKRLIG
RKFGDPVVQSDMKHWPFQVINDGDKPKVQVSYKGETKAFYPEEISSMVLTKMKEIAEAYLGYPVTNAVITVPAYFNDSQR
QATKDAGVIAGLNVLRIINEPTAAAIAYGLDRTGKGERNVLIFDLGGGTFDVSILTIDDGIFEVKATAGDTHLGGEDFDN
RLVNHFVEEFKRKHKKDISQNKRAVRRLRTACERAKRTLSSSTQASLEIDSLFEGIDFYTSITRARFEELCSDLFRSTLE
PVEKALRDAKLDKAQIHDLVLVGGSTRIPKVQKLLQDFFNGRDLNKSINPDEAVAYGAAVQAAILIKSTRAAAS
;
_entity_poly.pdbx_strand_id   A
#
loop_
_chem_comp.id
_chem_comp.type
_chem_comp.name
_chem_comp.formula
CL non-polymer 'CHLORIDE ION' 'Cl -1'
DMS non-polymer 'DIMETHYL SULFOXIDE' 'C2 H6 O S'
GB8 non-polymer (2R,3R,4S,5R)-2-(6-amino-8-((quinolin-7-ylmethyl)amino)-9H-purin-9-yl)-5-(hydroxymethyl)tetrahydrofuran-3,4-diol 'C20 H21 N7 O4'
GOL non-polymer GLYCEROL 'C3 H8 O3'
#
# COMPACT_ATOMS: atom_id res chain seq x y z
N LYS A 8 20.20 -19.79 4.12
CA LYS A 8 19.83 -21.18 3.82
C LYS A 8 18.62 -21.65 4.63
N ALA A 9 18.68 -21.47 5.97
CA ALA A 9 17.62 -21.83 6.91
C ALA A 9 16.75 -20.60 7.27
N ALA A 10 17.12 -19.42 6.75
CA ALA A 10 16.39 -18.18 6.99
C ALA A 10 15.44 -17.87 5.83
N ALA A 11 14.38 -17.10 6.11
CA ALA A 11 13.38 -16.75 5.11
C ALA A 11 12.67 -15.47 5.53
N ILE A 12 12.38 -14.61 4.54
CA ILE A 12 11.69 -13.34 4.79
C ILE A 12 10.28 -13.31 4.21
N GLY A 13 9.45 -12.46 4.77
CA GLY A 13 8.12 -12.23 4.26
C GLY A 13 8.05 -10.85 3.67
N ILE A 14 7.62 -10.70 2.43
CA ILE A 14 7.55 -9.38 1.83
C ILE A 14 6.17 -8.99 1.33
N ASP A 15 5.69 -7.85 1.80
CA ASP A 15 4.42 -7.33 1.36
C ASP A 15 4.83 -6.34 0.28
N LEU A 16 4.62 -6.72 -0.98
CA LEU A 16 4.95 -5.86 -2.10
C LEU A 16 3.67 -5.11 -2.38
N GLY A 17 3.58 -3.92 -1.82
CA GLY A 17 2.38 -3.10 -1.91
C GLY A 17 2.39 -2.17 -3.08
N THR A 18 1.21 -1.66 -3.43
CA THR A 18 1.02 -0.72 -4.54
C THR A 18 1.82 0.56 -4.28
N THR A 19 1.72 1.11 -3.06
CA THR A 19 2.38 2.38 -2.72
C THR A 19 3.51 2.19 -1.74
N TYR A 20 3.39 1.21 -0.82
CA TYR A 20 4.40 0.92 0.19
C TYR A 20 4.67 -0.55 0.30
N SER A 21 5.89 -0.90 0.68
CA SER A 21 6.32 -2.28 0.87
C SER A 21 6.84 -2.46 2.29
N CYS A 22 6.84 -3.69 2.79
CA CYS A 22 7.22 -4.01 4.16
C CYS A 22 7.89 -5.39 4.18
N VAL A 23 8.96 -5.56 5.00
CA VAL A 23 9.66 -6.85 5.07
C VAL A 23 9.77 -7.34 6.52
N GLY A 24 9.46 -8.60 6.74
CA GLY A 24 9.54 -9.15 8.08
C GLY A 24 10.26 -10.47 8.18
N VAL A 25 10.77 -10.76 9.37
CA VAL A 25 11.41 -12.03 9.66
C VAL A 25 10.91 -12.57 11.01
N PHE A 26 10.49 -13.83 11.03
CA PHE A 26 9.99 -14.48 12.24
C PHE A 26 11.21 -14.83 13.10
N GLN A 27 11.19 -14.44 14.37
CA GLN A 27 12.34 -14.72 15.22
C GLN A 27 11.96 -15.25 16.60
N LYS A 30 7.52 -14.69 17.57
CA LYS A 30 6.97 -13.45 17.02
C LYS A 30 7.71 -13.00 15.76
N VAL A 31 7.16 -11.98 15.07
CA VAL A 31 7.78 -11.45 13.86
C VAL A 31 8.44 -10.10 14.12
N GLU A 32 9.59 -9.92 13.48
CA GLU A 32 10.32 -8.68 13.54
C GLU A 32 10.13 -8.04 12.17
N ILE A 33 9.53 -6.85 12.15
CA ILE A 33 9.33 -6.11 10.91
C ILE A 33 10.57 -5.26 10.88
N ILE A 34 11.32 -5.34 9.80
CA ILE A 34 12.58 -4.60 9.69
C ILE A 34 12.46 -3.13 9.27
N ALA A 35 13.08 -2.26 10.07
CA ALA A 35 13.13 -0.84 9.77
C ALA A 35 14.20 -0.61 8.71
N ASN A 36 13.95 0.30 7.78
CA ASN A 36 14.92 0.60 6.71
C ASN A 36 15.99 1.57 7.20
N ASP A 37 16.91 2.00 6.32
CA ASP A 37 17.98 2.90 6.74
C ASP A 37 17.46 4.21 7.32
N GLN A 38 16.34 4.69 6.79
CA GLN A 38 15.71 5.91 7.28
C GLN A 38 15.01 5.63 8.62
N GLY A 39 14.95 4.36 9.01
CA GLY A 39 14.32 3.95 10.24
C GLY A 39 12.83 3.66 10.15
N ASN A 40 12.31 3.68 8.92
CA ASN A 40 10.91 3.42 8.66
C ASN A 40 10.61 1.93 8.48
N ARG A 41 9.51 1.48 9.06
CA ARG A 41 9.12 0.06 9.00
C ARG A 41 8.39 -0.30 7.72
N THR A 42 8.05 0.71 6.92
CA THR A 42 7.52 0.53 5.57
C THR A 42 8.34 1.39 4.65
N THR A 43 8.46 0.96 3.39
CA THR A 43 9.26 1.63 2.37
C THR A 43 8.39 1.98 1.16
N PRO A 44 8.42 3.23 0.65
CA PRO A 44 7.64 3.52 -0.58
C PRO A 44 8.03 2.62 -1.75
N SER A 45 7.04 2.08 -2.51
CA SER A 45 7.24 1.23 -3.70
C SER A 45 7.50 2.16 -4.87
N TYR A 46 8.56 2.98 -4.74
CA TYR A 46 8.92 4.03 -5.71
C TYR A 46 10.30 3.80 -6.24
N VAL A 47 10.48 4.03 -7.55
CA VAL A 47 11.79 3.92 -8.20
C VAL A 47 11.99 5.20 -9.01
N ALA A 48 13.04 5.98 -8.68
CA ALA A 48 13.31 7.21 -9.43
C ALA A 48 14.61 7.06 -10.23
N PHE A 49 14.58 7.54 -11.45
CA PHE A 49 15.70 7.50 -12.39
C PHE A 49 16.20 8.93 -12.53
N THR A 50 17.44 9.16 -12.13
CA THR A 50 18.03 10.51 -12.16
C THR A 50 19.16 10.59 -13.20
N ASP A 51 19.86 11.72 -13.23
CA ASP A 51 20.98 11.88 -14.14
C ASP A 51 22.15 11.03 -13.64
N THR A 52 22.19 10.69 -12.36
CA THR A 52 23.33 9.94 -11.85
C THR A 52 23.06 8.54 -11.31
N GLU A 53 21.84 8.26 -10.91
CA GLU A 53 21.55 6.97 -10.31
C GLU A 53 20.08 6.60 -10.26
N ARG A 54 19.85 5.42 -9.71
CA ARG A 54 18.53 4.88 -9.51
C ARG A 54 18.28 4.99 -8.00
N LEU A 55 17.18 5.61 -7.60
CA LEU A 55 16.84 5.77 -6.20
C LEU A 55 15.65 4.88 -5.95
N ILE A 56 15.64 4.17 -4.81
CA ILE A 56 14.55 3.24 -4.45
C ILE A 56 14.07 3.58 -3.06
N GLY A 57 12.75 3.70 -2.88
CA GLY A 57 12.11 3.95 -1.60
C GLY A 57 11.92 5.40 -1.21
N ASP A 58 12.30 5.74 0.04
CA ASP A 58 12.18 7.09 0.60
C ASP A 58 12.87 8.12 -0.28
N ALA A 59 14.12 7.82 -0.72
CA ALA A 59 14.91 8.70 -1.57
C ALA A 59 14.18 8.98 -2.90
N ALA A 60 13.45 7.96 -3.46
CA ALA A 60 12.69 8.13 -4.67
C ALA A 60 11.43 9.00 -4.40
N LYS A 61 10.65 8.65 -3.37
CA LYS A 61 9.44 9.43 -3.05
C LYS A 61 9.76 10.91 -2.72
N ASN A 62 10.87 11.14 -2.04
CA ASN A 62 11.30 12.47 -1.62
C ASN A 62 11.53 13.48 -2.75
N GLN A 63 12.05 13.02 -3.88
CA GLN A 63 12.32 13.91 -5.01
C GLN A 63 11.27 13.91 -6.11
N VAL A 64 10.08 13.39 -5.81
CA VAL A 64 9.01 13.32 -6.79
C VAL A 64 8.58 14.70 -7.33
N ALA A 65 8.52 15.72 -6.48
CA ALA A 65 8.13 17.07 -6.93
C ALA A 65 9.08 17.66 -8.01
N LEU A 66 10.38 17.29 -7.95
CA LEU A 66 11.41 17.81 -8.85
C LEU A 66 11.71 16.92 -10.05
N ASN A 67 11.24 15.68 -10.04
CA ASN A 67 11.51 14.73 -11.14
C ASN A 67 10.26 13.86 -11.37
N PRO A 68 9.04 14.43 -11.60
CA PRO A 68 7.86 13.57 -11.69
C PRO A 68 7.82 12.59 -12.87
N GLN A 69 8.34 12.98 -14.03
CA GLN A 69 8.35 12.17 -15.24
C GLN A 69 9.18 10.91 -15.11
N ASN A 70 10.20 10.93 -14.25
CA ASN A 70 11.10 9.78 -14.10
C ASN A 70 11.02 9.12 -12.73
N THR A 71 9.93 9.38 -11.99
CA THR A 71 9.73 8.73 -10.70
C THR A 71 8.55 7.77 -10.86
N VAL A 72 8.86 6.49 -10.84
CA VAL A 72 7.89 5.42 -11.06
C VAL A 72 7.32 4.91 -9.75
N PHE A 73 6.01 4.67 -9.75
CA PHE A 73 5.22 4.10 -8.65
C PHE A 73 4.07 3.40 -9.35
N ASP A 74 3.24 2.65 -8.61
CA ASP A 74 2.06 1.95 -9.17
C ASP A 74 2.45 0.85 -10.16
N ALA A 75 3.70 0.35 -10.11
CA ALA A 75 4.06 -0.77 -11.03
C ALA A 75 3.11 -1.96 -10.82
N LYS A 76 2.59 -2.12 -9.60
CA LYS A 76 1.68 -3.22 -9.25
C LYS A 76 0.36 -3.13 -10.02
N ARG A 77 0.00 -1.91 -10.50
CA ARG A 77 -1.20 -1.72 -11.32
C ARG A 77 -0.99 -2.24 -12.74
N LEU A 78 0.27 -2.39 -13.12
CA LEU A 78 0.66 -2.82 -14.49
C LEU A 78 1.08 -4.26 -14.55
N ILE A 79 1.68 -4.76 -13.46
CA ILE A 79 2.32 -6.07 -13.43
C ILE A 79 1.39 -7.22 -13.90
N GLY A 80 1.87 -8.01 -14.86
CA GLY A 80 1.12 -9.16 -15.41
C GLY A 80 -0.06 -8.79 -16.28
N ARG A 81 -0.17 -7.52 -16.68
CA ARG A 81 -1.26 -7.08 -17.56
C ARG A 81 -0.75 -6.87 -18.98
N LYS A 82 -1.65 -7.00 -19.97
CA LYS A 82 -1.34 -6.70 -21.36
C LYS A 82 -1.46 -5.20 -21.49
N PHE A 83 -0.80 -4.63 -22.49
CA PHE A 83 -0.88 -3.20 -22.75
C PHE A 83 -2.31 -2.76 -23.09
N GLY A 84 -3.02 -3.57 -23.87
CA GLY A 84 -4.39 -3.30 -24.31
C GLY A 84 -5.46 -3.51 -23.25
N ASP A 85 -5.04 -3.92 -22.06
CA ASP A 85 -5.96 -4.13 -20.94
C ASP A 85 -6.66 -2.81 -20.64
N PRO A 86 -7.96 -2.85 -20.40
CA PRO A 86 -8.69 -1.61 -20.14
C PRO A 86 -8.15 -0.89 -18.90
N VAL A 87 -7.76 -1.63 -17.88
CA VAL A 87 -7.22 -1.03 -16.67
C VAL A 87 -5.93 -0.26 -16.95
N VAL A 88 -5.04 -0.83 -17.76
CA VAL A 88 -3.79 -0.17 -18.11
C VAL A 88 -4.06 1.16 -18.85
N GLN A 89 -4.92 1.09 -19.87
CA GLN A 89 -5.26 2.25 -20.69
C GLN A 89 -5.90 3.36 -19.90
N SER A 90 -6.73 2.98 -18.94
CA SER A 90 -7.39 3.94 -18.05
C SER A 90 -6.36 4.55 -17.09
N ASP A 91 -5.57 3.70 -16.41
CA ASP A 91 -4.56 4.19 -15.46
C ASP A 91 -3.48 5.10 -16.06
N MET A 92 -3.03 4.78 -17.29
CA MET A 92 -2.00 5.53 -18.05
C MET A 92 -2.24 7.03 -18.12
N LYS A 93 -3.50 7.40 -18.24
CA LYS A 93 -3.91 8.79 -18.38
C LYS A 93 -3.56 9.65 -17.17
N HIS A 94 -3.54 9.04 -15.99
CA HIS A 94 -3.25 9.77 -14.76
C HIS A 94 -1.83 9.72 -14.17
N TRP A 95 -0.90 9.01 -14.81
CA TRP A 95 0.47 8.92 -14.31
C TRP A 95 1.35 9.96 -14.99
N PRO A 96 2.30 10.55 -14.25
CA PRO A 96 3.19 11.54 -14.87
C PRO A 96 4.33 10.89 -15.67
N PHE A 97 4.54 9.58 -15.54
CA PHE A 97 5.58 8.88 -16.30
C PHE A 97 4.91 8.26 -17.53
N GLN A 98 5.72 7.94 -18.53
CA GLN A 98 5.26 7.36 -19.78
C GLN A 98 5.15 5.84 -19.75
N VAL A 99 4.02 5.29 -20.24
CA VAL A 99 3.81 3.85 -20.35
C VAL A 99 3.76 3.52 -21.85
N ILE A 100 4.58 2.55 -22.28
CA ILE A 100 4.71 2.25 -23.70
C ILE A 100 4.35 0.79 -23.98
N ASN A 101 4.16 0.50 -25.25
CA ASN A 101 3.81 -0.82 -25.76
C ASN A 101 5.02 -1.52 -26.38
N ASP A 102 5.41 -2.67 -25.79
CA ASP A 102 6.41 -3.55 -26.39
C ASP A 102 5.79 -4.98 -26.52
N GLY A 103 5.35 -5.33 -27.72
CA GLY A 103 4.72 -6.65 -27.95
C GLY A 103 3.50 -6.91 -27.10
N ASP A 104 2.65 -5.88 -26.93
CA ASP A 104 1.41 -5.89 -26.11
C ASP A 104 1.69 -6.04 -24.62
N LYS A 105 2.91 -5.71 -24.19
CA LYS A 105 3.30 -5.69 -22.78
C LYS A 105 3.64 -4.26 -22.44
N PRO A 106 3.12 -3.73 -21.34
CA PRO A 106 3.47 -2.36 -20.97
C PRO A 106 4.89 -2.27 -20.43
N LYS A 107 5.54 -1.16 -20.72
CA LYS A 107 6.85 -0.84 -20.16
C LYS A 107 6.79 0.63 -19.70
N VAL A 108 7.53 1.00 -18.67
CA VAL A 108 7.57 2.40 -18.25
C VAL A 108 8.81 2.99 -18.90
N GLN A 109 8.66 4.13 -19.58
CA GLN A 109 9.78 4.72 -20.29
C GLN A 109 10.25 5.95 -19.53
N VAL A 110 11.54 6.02 -19.28
CA VAL A 110 12.09 7.10 -18.46
C VAL A 110 13.39 7.61 -19.05
N SER A 111 13.89 8.76 -18.54
CA SER A 111 15.20 9.32 -18.83
C SER A 111 16.06 8.84 -17.64
N TYR A 112 17.15 8.13 -17.93
CA TYR A 112 18.04 7.59 -16.89
C TYR A 112 19.47 7.79 -17.34
N LYS A 113 20.25 8.58 -16.59
CA LYS A 113 21.64 8.94 -16.90
C LYS A 113 21.74 9.55 -18.32
N GLY A 114 20.80 10.43 -18.64
CA GLY A 114 20.75 11.19 -19.89
C GLY A 114 20.28 10.42 -21.11
N GLU A 115 19.72 9.21 -20.92
CA GLU A 115 19.26 8.36 -22.04
C GLU A 115 17.85 7.82 -21.80
N THR A 116 17.12 7.53 -22.88
CA THR A 116 15.78 6.95 -22.77
C THR A 116 15.92 5.46 -22.51
N LYS A 117 15.25 4.98 -21.46
CA LYS A 117 15.28 3.57 -21.06
C LYS A 117 13.86 3.11 -20.73
N ALA A 118 13.53 1.85 -21.03
CA ALA A 118 12.18 1.35 -20.73
C ALA A 118 12.27 0.12 -19.88
N PHE A 119 11.35 -0.05 -18.94
CA PHE A 119 11.37 -1.18 -18.01
C PHE A 119 10.05 -1.87 -17.92
N TYR A 120 10.09 -3.22 -17.88
CA TYR A 120 8.88 -3.99 -17.63
C TYR A 120 8.40 -3.72 -16.21
N PRO A 121 7.09 -3.84 -15.93
CA PRO A 121 6.62 -3.65 -14.54
C PRO A 121 7.34 -4.56 -13.53
N GLU A 122 7.69 -5.81 -13.92
CA GLU A 122 8.39 -6.77 -13.04
C GLU A 122 9.83 -6.35 -12.74
N GLU A 123 10.45 -5.64 -13.68
CA GLU A 123 11.79 -5.10 -13.46
C GLU A 123 11.73 -4.00 -12.41
N ILE A 124 10.72 -3.14 -12.50
CA ILE A 124 10.57 -2.05 -11.53
C ILE A 124 10.28 -2.64 -10.16
N SER A 125 9.41 -3.64 -10.13
CA SER A 125 9.06 -4.30 -8.90
C SER A 125 10.29 -5.01 -8.34
N SER A 126 11.11 -5.57 -9.23
CA SER A 126 12.33 -6.24 -8.80
C SER A 126 13.26 -5.28 -8.09
N MET A 127 13.26 -4.00 -8.45
CA MET A 127 14.12 -2.99 -7.78
C MET A 127 13.58 -2.71 -6.37
N VAL A 128 12.25 -2.64 -6.21
CA VAL A 128 11.63 -2.48 -4.89
C VAL A 128 11.99 -3.70 -4.04
N LEU A 129 11.85 -4.91 -4.64
CA LEU A 129 12.16 -6.18 -3.95
C LEU A 129 13.61 -6.29 -3.59
N THR A 130 14.50 -5.81 -4.43
CA THR A 130 15.95 -5.80 -4.17
C THR A 130 16.19 -4.94 -2.91
N LYS A 131 15.54 -3.76 -2.82
CA LYS A 131 15.65 -2.90 -1.64
C LYS A 131 15.17 -3.60 -0.36
N MET A 132 14.02 -4.29 -0.44
CA MET A 132 13.47 -5.01 0.69
C MET A 132 14.45 -6.11 1.14
N LYS A 133 15.04 -6.82 0.16
CA LYS A 133 16.03 -7.87 0.38
C LYS A 133 17.29 -7.28 1.04
N GLU A 134 17.73 -6.11 0.57
CA GLU A 134 18.88 -5.44 1.16
C GLU A 134 18.60 -5.01 2.59
N ILE A 135 17.39 -4.53 2.84
CA ILE A 135 16.99 -4.10 4.17
C ILE A 135 17.05 -5.30 5.12
N ALA A 136 16.57 -6.45 4.68
CA ALA A 136 16.60 -7.68 5.47
C ALA A 136 18.04 -8.12 5.75
N GLU A 137 18.87 -8.06 4.71
CA GLU A 137 20.29 -8.41 4.77
C GLU A 137 21.08 -7.54 5.75
N ALA A 138 20.79 -6.22 5.83
CA ALA A 138 21.46 -5.32 6.77
C ALA A 138 21.05 -5.66 8.23
N TYR A 139 19.82 -6.19 8.41
CA TYR A 139 19.35 -6.58 9.73
C TYR A 139 19.94 -7.91 10.17
N LEU A 140 19.95 -8.90 9.28
CA LEU A 140 20.43 -10.24 9.61
C LEU A 140 21.93 -10.39 9.51
N GLY A 141 22.60 -9.47 8.83
CA GLY A 141 24.04 -9.51 8.69
C GLY A 141 24.55 -10.63 7.79
N TYR A 142 23.64 -11.24 7.00
CA TYR A 142 24.00 -12.29 6.05
C TYR A 142 23.02 -12.26 4.83
N PRO A 143 23.43 -12.79 3.69
CA PRO A 143 22.53 -12.77 2.54
C PRO A 143 21.33 -13.67 2.76
N VAL A 144 20.16 -13.23 2.35
CA VAL A 144 18.95 -14.02 2.48
C VAL A 144 18.22 -14.00 1.14
N THR A 145 17.80 -15.16 0.64
CA THR A 145 17.08 -15.21 -0.63
C THR A 145 15.68 -15.85 -0.59
N ASN A 146 15.41 -16.62 0.45
CA ASN A 146 14.12 -17.31 0.61
C ASN A 146 13.08 -16.31 1.04
N ALA A 147 11.98 -16.25 0.31
CA ALA A 147 10.92 -15.30 0.63
C ALA A 147 9.55 -15.74 0.17
N VAL A 148 8.56 -15.20 0.85
CA VAL A 148 7.17 -15.42 0.50
C VAL A 148 6.72 -14.02 0.13
N ILE A 149 6.14 -13.86 -1.04
CA ILE A 149 5.69 -12.54 -1.49
C ILE A 149 4.17 -12.56 -1.59
N THR A 150 3.54 -11.49 -1.14
CA THR A 150 2.08 -11.46 -1.15
C THR A 150 1.53 -10.73 -2.34
N VAL A 151 0.32 -11.12 -2.75
CA VAL A 151 -0.40 -10.47 -3.82
C VAL A 151 -1.85 -10.29 -3.39
N PRO A 152 -2.62 -9.40 -4.04
CA PRO A 152 -4.07 -9.31 -3.75
C PRO A 152 -4.80 -10.61 -4.14
N ALA A 153 -5.84 -10.98 -3.39
CA ALA A 153 -6.60 -12.22 -3.65
C ALA A 153 -7.22 -12.29 -5.04
N TYR A 154 -7.50 -11.13 -5.64
CA TYR A 154 -8.09 -11.08 -6.97
C TYR A 154 -7.06 -11.18 -8.12
N PHE A 155 -5.78 -11.20 -7.78
CA PHE A 155 -4.75 -11.31 -8.80
C PHE A 155 -4.87 -12.63 -9.58
N ASN A 156 -4.80 -12.53 -10.90
CA ASN A 156 -4.88 -13.68 -11.80
C ASN A 156 -3.55 -14.39 -11.95
N ASP A 157 -3.52 -15.51 -12.66
CA ASP A 157 -2.27 -16.27 -12.82
C ASP A 157 -1.15 -15.44 -13.46
N SER A 158 -1.49 -14.63 -14.46
CA SER A 158 -0.50 -13.79 -15.15
C SER A 158 0.12 -12.76 -14.18
N GLN A 159 -0.70 -12.19 -13.30
CA GLN A 159 -0.23 -11.22 -12.31
C GLN A 159 0.64 -11.89 -11.26
N ARG A 160 0.26 -13.10 -10.83
CA ARG A 160 1.03 -13.88 -9.87
C ARG A 160 2.39 -14.32 -10.45
N GLN A 161 2.37 -14.84 -11.68
CA GLN A 161 3.62 -15.23 -12.36
C GLN A 161 4.56 -14.04 -12.55
N ALA A 162 4.05 -12.84 -12.95
CA ALA A 162 4.90 -11.65 -13.11
C ALA A 162 5.43 -11.16 -11.78
N THR A 163 4.67 -11.32 -10.71
CA THR A 163 5.12 -10.94 -9.39
C THR A 163 6.26 -11.88 -8.99
N LYS A 164 6.08 -13.15 -9.29
CA LYS A 164 7.09 -14.15 -9.00
C LYS A 164 8.36 -13.83 -9.79
N ASP A 165 8.18 -13.43 -11.04
CA ASP A 165 9.30 -13.07 -11.93
C ASP A 165 10.07 -11.89 -11.35
N ALA A 166 9.36 -10.91 -10.79
CA ALA A 166 10.03 -9.78 -10.15
C ALA A 166 10.93 -10.31 -9.01
N GLY A 167 10.45 -11.32 -8.28
CA GLY A 167 11.21 -11.94 -7.19
C GLY A 167 12.49 -12.57 -7.72
N VAL A 168 12.37 -13.36 -8.81
CA VAL A 168 13.50 -14.04 -9.46
C VAL A 168 14.49 -12.97 -9.97
N ILE A 169 14.01 -11.90 -10.62
CA ILE A 169 14.92 -10.85 -11.12
C ILE A 169 15.73 -10.21 -9.95
N ALA A 170 15.06 -10.02 -8.79
CA ALA A 170 15.67 -9.47 -7.57
C ALA A 170 16.65 -10.42 -6.85
N GLY A 171 16.74 -11.67 -7.30
CA GLY A 171 17.63 -12.64 -6.65
C GLY A 171 16.99 -13.32 -5.45
N LEU A 172 15.68 -13.46 -5.48
CA LEU A 172 14.98 -14.11 -4.39
C LEU A 172 14.44 -15.45 -4.82
N ASN A 173 14.49 -16.42 -3.91
CA ASN A 173 13.93 -17.71 -4.18
C ASN A 173 12.54 -17.54 -3.61
N VAL A 174 11.53 -17.53 -4.48
CA VAL A 174 10.18 -17.31 -4.02
C VAL A 174 9.59 -18.65 -3.61
N LEU A 175 9.46 -18.81 -2.32
CA LEU A 175 8.93 -20.05 -1.73
C LEU A 175 7.48 -20.26 -2.13
N ARG A 176 6.69 -19.19 -2.11
CA ARG A 176 5.28 -19.20 -2.51
C ARG A 176 4.81 -17.76 -2.68
N ILE A 177 3.74 -17.62 -3.44
CA ILE A 177 3.06 -16.36 -3.65
C ILE A 177 1.76 -16.59 -2.90
N ILE A 178 1.47 -15.78 -1.89
CA ILE A 178 0.23 -15.98 -1.14
C ILE A 178 -0.64 -14.73 -1.09
N ASN A 179 -1.93 -14.91 -0.92
CA ASN A 179 -2.85 -13.79 -0.86
C ASN A 179 -2.63 -12.92 0.37
N GLU A 180 -2.68 -11.62 0.16
CA GLU A 180 -2.53 -10.61 1.22
C GLU A 180 -3.55 -10.87 2.37
N PRO A 181 -4.88 -11.08 2.12
CA PRO A 181 -5.79 -11.29 3.27
C PRO A 181 -5.49 -12.58 4.04
N THR A 182 -4.99 -13.62 3.33
CA THR A 182 -4.54 -14.87 3.93
C THR A 182 -3.35 -14.57 4.82
N ALA A 183 -2.38 -13.78 4.34
CA ALA A 183 -1.20 -13.44 5.15
C ALA A 183 -1.62 -12.70 6.42
N ALA A 184 -2.58 -11.77 6.30
CA ALA A 184 -3.04 -11.00 7.46
C ALA A 184 -3.73 -11.88 8.50
N ALA A 185 -4.46 -12.91 8.06
CA ALA A 185 -5.11 -13.86 8.97
C ALA A 185 -4.06 -14.75 9.68
N ILE A 186 -3.01 -15.16 8.94
CA ILE A 186 -1.91 -15.93 9.50
C ILE A 186 -1.18 -15.11 10.59
N ALA A 187 -1.04 -13.79 10.38
CA ALA A 187 -0.36 -12.91 11.34
C ALA A 187 -1.07 -12.94 12.68
N TYR A 188 -2.40 -13.07 12.67
CA TYR A 188 -3.18 -13.12 13.90
C TYR A 188 -3.39 -14.56 14.42
N GLY A 189 -2.80 -15.56 13.76
CA GLY A 189 -2.89 -16.98 14.13
C GLY A 189 -4.29 -17.52 13.93
N LEU A 190 -5.08 -16.89 13.04
CA LEU A 190 -6.49 -17.26 12.79
C LEU A 190 -6.67 -18.58 12.07
N ASP A 191 -5.55 -19.17 11.61
CA ASP A 191 -5.53 -20.50 11.01
C ASP A 191 -5.18 -21.56 12.06
N ARG A 192 -4.95 -21.14 13.31
CA ARG A 192 -4.51 -22.00 14.41
C ARG A 192 -5.53 -22.08 15.54
N THR A 193 -6.81 -21.79 15.29
CA THR A 193 -7.79 -21.76 16.38
C THR A 193 -8.36 -23.18 16.65
N GLY A 194 -8.17 -24.12 15.72
CA GLY A 194 -8.65 -25.49 15.86
C GLY A 194 -9.58 -25.93 14.74
N LYS A 195 -10.22 -27.11 14.92
CA LYS A 195 -11.16 -27.67 13.94
C LYS A 195 -12.42 -26.81 13.85
N GLY A 196 -13.04 -26.83 12.67
CA GLY A 196 -14.24 -26.05 12.40
C GLY A 196 -13.95 -24.84 11.54
N GLU A 197 -15.01 -24.18 11.06
CA GLU A 197 -14.91 -23.02 10.20
C GLU A 197 -14.69 -21.74 10.98
N ARG A 198 -13.70 -20.96 10.55
CA ARG A 198 -13.44 -19.67 11.13
C ARG A 198 -13.68 -18.65 10.01
N ASN A 199 -14.63 -17.75 10.21
CA ASN A 199 -14.92 -16.72 9.22
C ASN A 199 -14.19 -15.44 9.57
N VAL A 200 -13.42 -14.92 8.63
CA VAL A 200 -12.57 -13.75 8.89
C VAL A 200 -12.84 -12.69 7.86
N LEU A 201 -13.01 -11.46 8.30
CA LEU A 201 -13.17 -10.34 7.37
C LEU A 201 -11.91 -9.50 7.48
N ILE A 202 -11.30 -9.23 6.33
CA ILE A 202 -10.11 -8.41 6.26
C ILE A 202 -10.53 -7.11 5.60
N PHE A 203 -10.33 -5.99 6.30
CA PHE A 203 -10.67 -4.68 5.79
C PHE A 203 -9.33 -4.01 5.54
N ASP A 204 -8.95 -3.92 4.28
CA ASP A 204 -7.67 -3.34 3.90
C ASP A 204 -7.81 -2.04 3.14
N LEU A 205 -7.39 -0.96 3.79
CA LEU A 205 -7.45 0.37 3.20
C LEU A 205 -6.01 0.89 3.22
N GLY A 206 -5.37 0.86 2.05
CA GLY A 206 -3.97 1.24 1.90
C GLY A 206 -3.77 2.64 1.39
N GLY A 207 -2.66 2.82 0.68
CA GLY A 207 -2.32 4.07 0.04
C GLY A 207 -3.19 4.45 -1.15
N GLY A 208 -3.50 3.47 -1.99
CA GLY A 208 -4.31 3.71 -3.18
C GLY A 208 -5.45 2.77 -3.49
N THR A 209 -5.60 1.71 -2.70
CA THR A 209 -6.63 0.72 -2.94
C THR A 209 -7.38 0.31 -1.68
N PHE A 210 -8.60 -0.18 -1.88
CA PHE A 210 -9.44 -0.63 -0.79
C PHE A 210 -9.90 -2.02 -1.14
N ASP A 211 -9.58 -2.98 -0.28
CA ASP A 211 -9.90 -4.37 -0.48
C ASP A 211 -10.58 -4.95 0.75
N VAL A 212 -11.73 -5.58 0.53
CA VAL A 212 -12.45 -6.32 1.56
C VAL A 212 -12.41 -7.76 1.11
N SER A 213 -12.00 -8.64 2.02
CA SER A 213 -11.99 -10.06 1.72
C SER A 213 -12.66 -10.83 2.81
N ILE A 214 -13.43 -11.84 2.45
CA ILE A 214 -14.03 -12.67 3.45
C ILE A 214 -13.41 -14.05 3.28
N LEU A 215 -12.78 -14.53 4.34
CA LEU A 215 -12.11 -15.81 4.32
C LEU A 215 -12.72 -16.82 5.26
N THR A 216 -12.68 -18.07 4.85
CA THR A 216 -13.15 -19.15 5.68
C THR A 216 -11.93 -20.05 5.90
N ILE A 217 -11.64 -20.33 7.15
CA ILE A 217 -10.50 -21.14 7.55
C ILE A 217 -11.11 -22.37 8.20
N ASP A 218 -11.11 -23.48 7.45
CA ASP A 218 -11.75 -24.75 7.85
C ASP A 218 -10.65 -25.74 8.14
N ASP A 219 -10.47 -26.05 9.44
CA ASP A 219 -9.46 -26.96 9.96
C ASP A 219 -8.05 -26.62 9.40
N GLY A 220 -7.73 -25.32 9.39
CA GLY A 220 -6.45 -24.79 8.92
C GLY A 220 -6.34 -24.43 7.45
N ILE A 221 -7.31 -24.86 6.64
CA ILE A 221 -7.35 -24.60 5.20
C ILE A 221 -8.10 -23.31 4.83
N PHE A 222 -7.45 -22.47 4.03
CA PHE A 222 -8.00 -21.19 3.60
C PHE A 222 -8.84 -21.17 2.33
N GLU A 223 -9.99 -20.49 2.40
CA GLU A 223 -10.86 -20.31 1.26
C GLU A 223 -11.30 -18.84 1.18
N VAL A 224 -11.15 -18.21 0.02
CA VAL A 224 -11.58 -16.83 -0.17
C VAL A 224 -13.03 -16.94 -0.63
N LYS A 225 -13.98 -16.60 0.25
CA LYS A 225 -15.40 -16.67 -0.07
C LYS A 225 -15.88 -15.45 -0.85
N ALA A 226 -15.23 -14.29 -0.64
CA ALA A 226 -15.64 -13.05 -1.33
C ALA A 226 -14.58 -12.00 -1.28
N THR A 227 -14.56 -11.15 -2.32
CA THR A 227 -13.67 -10.00 -2.44
C THR A 227 -14.50 -8.86 -3.00
N ALA A 228 -14.32 -7.66 -2.44
CA ALA A 228 -14.98 -6.45 -2.91
C ALA A 228 -14.03 -5.31 -2.60
N GLY A 229 -14.39 -4.14 -3.02
CA GLY A 229 -13.60 -2.96 -2.73
C GLY A 229 -13.66 -1.96 -3.85
N ASP A 230 -12.64 -1.12 -3.88
CA ASP A 230 -12.48 -0.06 -4.84
C ASP A 230 -10.98 0.02 -5.10
N THR A 231 -10.58 -0.33 -6.30
CA THR A 231 -9.18 -0.33 -6.70
C THR A 231 -8.57 1.06 -6.72
N HIS A 232 -9.42 2.06 -6.75
CA HIS A 232 -8.98 3.44 -6.81
C HIS A 232 -9.37 4.31 -5.60
N LEU A 233 -9.35 3.74 -4.41
CA LEU A 233 -9.66 4.47 -3.19
C LEU A 233 -8.63 4.14 -2.12
N GLY A 234 -7.98 5.14 -1.54
CA GLY A 234 -7.02 4.88 -0.48
C GLY A 234 -6.51 6.17 0.11
N GLY A 235 -5.42 6.05 0.86
CA GLY A 235 -4.74 7.14 1.53
C GLY A 235 -4.52 8.36 0.69
N GLU A 236 -4.14 8.19 -0.60
CA GLU A 236 -3.89 9.33 -1.53
C GLU A 236 -5.14 10.21 -1.76
N ASP A 237 -6.35 9.62 -1.75
CA ASP A 237 -7.60 10.36 -1.94
C ASP A 237 -7.86 11.24 -0.73
N PHE A 238 -7.47 10.80 0.47
CA PHE A 238 -7.66 11.63 1.67
C PHE A 238 -6.64 12.76 1.66
N ASP A 239 -5.40 12.48 1.18
CA ASP A 239 -4.35 13.51 1.05
C ASP A 239 -4.84 14.59 0.11
N ASN A 240 -5.51 14.17 -1.00
CA ASN A 240 -6.05 15.08 -2.03
C ASN A 240 -7.21 15.91 -1.55
N ARG A 241 -8.03 15.39 -0.62
CA ARG A 241 -9.12 16.17 -0.03
C ARG A 241 -8.48 17.26 0.85
N LEU A 242 -7.37 16.94 1.54
CA LEU A 242 -6.62 17.94 2.30
C LEU A 242 -6.01 18.96 1.34
N VAL A 243 -5.46 18.51 0.19
CA VAL A 243 -4.88 19.42 -0.82
C VAL A 243 -5.96 20.43 -1.28
N ASN A 244 -7.15 19.94 -1.67
CA ASN A 244 -8.27 20.78 -2.14
C ASN A 244 -8.70 21.81 -1.11
N HIS A 245 -8.80 21.38 0.16
CA HIS A 245 -9.16 22.26 1.26
C HIS A 245 -8.13 23.37 1.45
N PHE A 246 -6.85 23.01 1.41
CA PHE A 246 -5.78 23.99 1.55
C PHE A 246 -5.68 24.98 0.38
N VAL A 247 -5.92 24.48 -0.82
CA VAL A 247 -5.90 25.33 -2.00
C VAL A 247 -7.01 26.36 -1.81
N GLU A 248 -8.18 25.90 -1.37
CA GLU A 248 -9.32 26.80 -1.08
C GLU A 248 -8.98 27.80 0.05
N GLU A 249 -8.32 27.32 1.13
CA GLU A 249 -7.87 28.18 2.23
C GLU A 249 -6.88 29.28 1.74
N PHE A 250 -5.86 28.89 0.94
CA PHE A 250 -4.86 29.82 0.39
C PHE A 250 -5.52 30.89 -0.48
N LYS A 251 -6.54 30.49 -1.28
CA LYS A 251 -7.36 31.36 -2.15
C LYS A 251 -8.08 32.42 -1.29
N ARG A 252 -8.70 32.01 -0.17
CA ARG A 252 -9.43 32.90 0.74
C ARG A 252 -8.50 33.85 1.51
N LYS A 253 -7.31 33.35 1.90
CA LYS A 253 -6.32 34.09 2.69
C LYS A 253 -5.48 35.06 1.84
N HIS A 254 -5.06 34.64 0.64
CA HIS A 254 -4.23 35.47 -0.23
C HIS A 254 -4.81 35.90 -1.59
N LYS A 255 -6.01 35.41 -1.90
CA LYS A 255 -6.72 35.71 -3.16
C LYS A 255 -5.94 35.22 -4.38
N LYS A 256 -5.27 34.06 -4.24
CA LYS A 256 -4.47 33.45 -5.28
C LYS A 256 -4.75 31.98 -5.42
N ASP A 257 -4.85 31.50 -6.67
CA ASP A 257 -5.06 30.11 -6.99
C ASP A 257 -3.68 29.49 -7.28
N ILE A 258 -3.30 28.46 -6.51
CA ILE A 258 -2.00 27.78 -6.64
C ILE A 258 -2.05 26.50 -7.51
N SER A 259 -3.27 26.02 -7.83
CA SER A 259 -3.60 24.77 -8.55
C SER A 259 -2.77 24.46 -9.82
N GLN A 260 -2.42 25.49 -10.60
CA GLN A 260 -1.70 25.31 -11.87
C GLN A 260 -0.17 25.20 -11.71
N ASN A 261 0.36 25.40 -10.49
CA ASN A 261 1.79 25.30 -10.22
C ASN A 261 1.99 23.91 -9.61
N LYS A 262 2.46 22.97 -10.43
CA LYS A 262 2.61 21.58 -10.04
C LYS A 262 3.55 21.36 -8.88
N ARG A 263 4.65 22.09 -8.83
CA ARG A 263 5.57 21.93 -7.73
C ARG A 263 4.93 22.32 -6.40
N ALA A 264 4.18 23.41 -6.41
CA ALA A 264 3.50 23.88 -5.21
C ALA A 264 2.47 22.87 -4.75
N VAL A 265 1.70 22.34 -5.69
CA VAL A 265 0.67 21.32 -5.38
C VAL A 265 1.32 20.07 -4.77
N ARG A 266 2.38 19.54 -5.44
CA ARG A 266 3.09 18.33 -4.97
C ARG A 266 3.70 18.51 -3.58
N ARG A 267 4.26 19.69 -3.30
CA ARG A 267 4.80 20.08 -2.00
C ARG A 267 3.69 20.12 -0.96
N LEU A 268 2.55 20.76 -1.30
CA LEU A 268 1.37 20.82 -0.42
C LEU A 268 0.84 19.42 -0.10
N ARG A 269 0.78 18.53 -1.11
CA ARG A 269 0.32 17.15 -0.94
C ARG A 269 1.19 16.36 0.06
N THR A 270 2.52 16.56 -0.02
CA THR A 270 3.50 15.92 0.87
C THR A 270 3.21 16.38 2.32
N ALA A 271 2.97 17.69 2.53
CA ALA A 271 2.66 18.28 3.84
C ALA A 271 1.29 17.75 4.33
N CYS A 272 0.33 17.57 3.41
CA CYS A 272 -1.00 17.06 3.72
C CYS A 272 -0.96 15.61 4.21
N GLU A 273 -0.13 14.76 3.57
CA GLU A 273 -0.02 13.34 3.99
C GLU A 273 0.54 13.27 5.42
N ARG A 274 1.49 14.16 5.75
CA ARG A 274 2.11 14.21 7.08
C ARG A 274 1.09 14.63 8.16
N ALA A 275 0.33 15.70 7.89
CA ALA A 275 -0.71 16.22 8.79
C ALA A 275 -1.81 15.16 9.01
N LYS A 276 -2.18 14.43 7.94
CA LYS A 276 -3.16 13.35 8.02
C LYS A 276 -2.69 12.27 9.00
N ARG A 277 -1.43 11.82 8.89
CA ARG A 277 -0.88 10.79 9.79
C ARG A 277 -0.91 11.22 11.25
N THR A 278 -0.50 12.48 11.54
CA THR A 278 -0.50 13.08 12.88
C THR A 278 -1.94 13.09 13.46
N LEU A 279 -2.94 13.43 12.62
CA LEU A 279 -4.35 13.47 13.01
C LEU A 279 -4.91 12.13 13.48
N SER A 280 -4.17 11.02 13.26
CA SER A 280 -4.62 9.70 13.73
C SER A 280 -4.24 9.52 15.19
N SER A 281 -3.25 10.29 15.69
CA SER A 281 -2.78 10.19 17.07
C SER A 281 -2.95 11.48 17.87
N SER A 282 -3.32 12.59 17.21
CA SER A 282 -3.63 13.87 17.87
C SER A 282 -4.86 14.51 17.22
N THR A 283 -5.49 15.50 17.88
CA THR A 283 -6.73 16.13 17.40
C THR A 283 -6.50 17.40 16.58
N GLN A 284 -5.22 17.79 16.41
CA GLN A 284 -4.82 18.95 15.64
C GLN A 284 -3.47 18.65 14.99
N ALA A 285 -3.21 19.29 13.85
CA ALA A 285 -1.95 19.14 13.12
C ALA A 285 -1.60 20.47 12.47
N SER A 286 -0.30 20.81 12.42
CA SER A 286 0.17 22.05 11.83
C SER A 286 0.97 21.81 10.56
N LEU A 287 0.64 22.56 9.50
CA LEU A 287 1.38 22.53 8.24
C LEU A 287 2.38 23.68 8.32
N GLU A 288 3.66 23.40 8.06
CA GLU A 288 4.74 24.38 8.15
C GLU A 288 5.51 24.41 6.82
N ILE A 289 4.91 25.03 5.79
CA ILE A 289 5.51 25.09 4.45
C ILE A 289 6.16 26.42 4.15
N ASP A 290 7.50 26.42 4.02
CA ASP A 290 8.19 27.64 3.65
C ASP A 290 8.07 27.85 2.16
N SER A 291 7.68 29.08 1.77
CA SER A 291 7.52 29.55 0.39
C SER A 291 6.80 28.56 -0.54
N LEU A 292 5.51 28.32 -0.27
CA LEU A 292 4.64 27.42 -1.03
C LEU A 292 4.33 27.92 -2.46
N PHE A 293 3.97 29.22 -2.62
CA PHE A 293 3.58 29.82 -3.89
C PHE A 293 3.86 31.31 -3.87
N GLU A 294 4.53 31.82 -4.93
CA GLU A 294 4.94 33.24 -5.08
C GLU A 294 5.67 33.78 -3.83
N GLY A 295 6.56 32.97 -3.29
CA GLY A 295 7.34 33.31 -2.10
C GLY A 295 6.59 33.45 -0.80
N ILE A 296 5.33 32.97 -0.75
CA ILE A 296 4.46 33.05 0.44
C ILE A 296 4.55 31.75 1.24
N ASP A 297 4.82 31.87 2.54
CA ASP A 297 4.87 30.75 3.48
C ASP A 297 3.45 30.28 3.76
N PHE A 298 3.28 28.99 4.07
CA PHE A 298 1.99 28.43 4.41
C PHE A 298 2.05 27.71 5.75
N TYR A 299 1.80 28.48 6.81
CA TYR A 299 1.80 28.01 8.20
C TYR A 299 0.35 28.08 8.67
N THR A 300 -0.27 26.91 8.85
CA THR A 300 -1.67 26.81 9.24
C THR A 300 -1.90 25.53 10.04
N SER A 301 -3.14 25.30 10.44
CA SER A 301 -3.45 24.09 11.20
C SER A 301 -4.81 23.52 10.81
N ILE A 302 -5.02 22.25 11.13
CA ILE A 302 -6.29 21.60 10.86
C ILE A 302 -6.63 20.68 12.03
N THR A 303 -7.91 20.54 12.32
CA THR A 303 -8.38 19.68 13.41
C THR A 303 -8.83 18.32 12.90
N ARG A 304 -8.81 17.32 13.78
CA ARG A 304 -9.24 15.96 13.38
C ARG A 304 -10.66 16.06 12.83
N ALA A 305 -11.55 16.83 13.52
CA ALA A 305 -12.95 17.02 13.10
C ALA A 305 -13.10 17.58 11.68
N ARG A 306 -12.32 18.60 11.29
CA ARG A 306 -12.39 19.15 9.93
C ARG A 306 -11.92 18.12 8.90
N PHE A 307 -10.88 17.33 9.24
CA PHE A 307 -10.36 16.29 8.35
C PHE A 307 -11.42 15.22 8.10
N GLU A 308 -12.11 14.78 9.16
CA GLU A 308 -13.16 13.76 9.08
C GLU A 308 -14.28 14.26 8.19
N GLU A 309 -14.65 15.53 8.32
CA GLU A 309 -15.64 16.17 7.48
C GLU A 309 -15.19 16.20 6.00
N LEU A 310 -13.93 16.63 5.71
CA LEU A 310 -13.41 16.65 4.34
C LEU A 310 -13.46 15.25 3.66
N CYS A 311 -13.32 14.16 4.43
CA CYS A 311 -13.26 12.80 3.88
C CYS A 311 -14.47 11.95 4.17
N SER A 312 -15.49 12.52 4.81
CA SER A 312 -16.68 11.84 5.28
C SER A 312 -17.33 10.89 4.26
N ASP A 313 -17.60 11.38 3.04
CA ASP A 313 -18.20 10.59 1.96
C ASP A 313 -17.29 9.39 1.57
N LEU A 314 -15.97 9.60 1.54
CA LEU A 314 -15.01 8.53 1.17
C LEU A 314 -14.95 7.47 2.26
N PHE A 315 -14.96 7.88 3.53
CA PHE A 315 -14.93 6.97 4.68
C PHE A 315 -16.18 6.13 4.67
N ARG A 316 -17.36 6.78 4.52
CA ARG A 316 -18.64 6.09 4.44
C ARG A 316 -18.77 5.10 3.27
N SER A 317 -18.16 5.42 2.12
CA SER A 317 -18.22 4.56 0.93
C SER A 317 -17.49 3.21 1.16
N THR A 318 -16.70 3.05 2.25
CA THR A 318 -15.99 1.77 2.53
C THR A 318 -16.95 0.68 3.06
N LEU A 319 -18.15 1.10 3.49
CA LEU A 319 -19.14 0.20 4.08
C LEU A 319 -19.93 -0.59 3.04
N GLU A 320 -20.24 0.00 1.87
CA GLU A 320 -20.97 -0.70 0.80
C GLU A 320 -20.21 -1.96 0.33
N PRO A 321 -18.87 -1.94 0.06
CA PRO A 321 -18.16 -3.19 -0.30
C PRO A 321 -18.19 -4.27 0.80
N VAL A 322 -18.26 -3.87 2.08
CA VAL A 322 -18.32 -4.84 3.20
C VAL A 322 -19.65 -5.58 3.11
N GLU A 323 -20.74 -4.82 2.88
CA GLU A 323 -22.09 -5.34 2.69
C GLU A 323 -22.15 -6.27 1.46
N LYS A 324 -21.49 -5.90 0.34
CA LYS A 324 -21.43 -6.71 -0.91
C LYS A 324 -20.59 -8.01 -0.69
N ALA A 325 -19.48 -7.93 0.07
CA ALA A 325 -18.65 -9.11 0.33
C ALA A 325 -19.44 -10.15 1.17
N LEU A 326 -20.16 -9.68 2.21
CA LEU A 326 -21.00 -10.55 3.07
C LEU A 326 -22.11 -11.21 2.24
N ARG A 327 -22.71 -10.43 1.32
CA ARG A 327 -23.77 -10.90 0.41
C ARG A 327 -23.24 -12.05 -0.46
N ASP A 328 -22.08 -11.83 -1.11
CA ASP A 328 -21.41 -12.82 -1.97
C ASP A 328 -20.91 -14.03 -1.19
N ALA A 329 -20.47 -13.82 0.07
CA ALA A 329 -19.98 -14.90 0.94
C ALA A 329 -21.16 -15.70 1.48
N LYS A 330 -22.37 -15.10 1.39
CA LYS A 330 -23.60 -15.67 1.91
C LYS A 330 -23.50 -15.80 3.42
N LEU A 331 -22.89 -14.79 4.07
CA LEU A 331 -22.71 -14.77 5.54
C LEU A 331 -23.25 -13.48 6.11
N ASP A 332 -23.79 -13.54 7.33
CA ASP A 332 -24.29 -12.38 8.04
C ASP A 332 -23.14 -11.83 8.91
N LYS A 333 -23.25 -10.57 9.35
CA LYS A 333 -22.24 -9.91 10.21
C LYS A 333 -21.89 -10.78 11.42
N ALA A 334 -22.92 -11.32 12.11
CA ALA A 334 -22.77 -12.16 13.30
C ALA A 334 -22.00 -13.48 13.07
N GLN A 335 -21.93 -13.95 11.81
CA GLN A 335 -21.21 -15.18 11.43
C GLN A 335 -19.71 -14.94 11.28
N ILE A 336 -19.30 -13.68 11.27
CA ILE A 336 -17.89 -13.36 11.11
C ILE A 336 -17.21 -13.39 12.47
N HIS A 337 -16.30 -14.35 12.65
CA HIS A 337 -15.57 -14.47 13.90
C HIS A 337 -14.61 -13.33 14.19
N ASP A 338 -13.86 -12.93 13.17
CA ASP A 338 -12.86 -11.87 13.34
C ASP A 338 -12.91 -10.77 12.30
N LEU A 339 -12.61 -9.56 12.76
CA LEU A 339 -12.58 -8.34 11.96
C LEU A 339 -11.15 -7.83 12.06
N VAL A 340 -10.44 -7.84 10.94
CA VAL A 340 -9.03 -7.53 10.90
C VAL A 340 -8.76 -6.28 10.06
N LEU A 341 -8.02 -5.33 10.65
CA LEU A 341 -7.65 -4.09 9.94
C LEU A 341 -6.28 -4.22 9.32
N VAL A 342 -6.21 -3.96 8.02
CA VAL A 342 -4.97 -3.99 7.22
C VAL A 342 -4.87 -2.64 6.48
N GLY A 343 -3.66 -2.19 6.27
CA GLY A 343 -3.40 -0.98 5.53
C GLY A 343 -3.21 0.21 6.45
N GLY A 344 -2.31 1.09 6.08
CA GLY A 344 -1.99 2.28 6.85
C GLY A 344 -3.15 3.19 7.14
N SER A 345 -4.13 3.29 6.22
CA SER A 345 -5.29 4.16 6.38
C SER A 345 -6.29 3.68 7.43
N THR A 346 -6.18 2.42 7.88
CA THR A 346 -7.08 1.92 8.90
C THR A 346 -6.75 2.54 10.25
N ARG A 347 -5.59 3.18 10.32
CA ARG A 347 -5.11 3.87 11.52
C ARG A 347 -6.02 5.04 11.86
N ILE A 348 -6.76 5.55 10.88
CA ILE A 348 -7.63 6.69 11.11
C ILE A 348 -8.76 6.31 12.07
N PRO A 349 -8.88 7.04 13.17
CA PRO A 349 -9.94 6.78 14.17
C PRO A 349 -11.37 6.80 13.61
N LYS A 350 -11.71 7.76 12.72
CA LYS A 350 -13.07 7.77 12.14
C LYS A 350 -13.36 6.50 11.31
N VAL A 351 -12.36 5.99 10.54
CA VAL A 351 -12.53 4.75 9.78
C VAL A 351 -12.86 3.59 10.71
N GLN A 352 -12.10 3.48 11.81
CA GLN A 352 -12.30 2.45 12.84
C GLN A 352 -13.69 2.56 13.45
N LYS A 353 -14.13 3.79 13.80
CA LYS A 353 -15.45 4.01 14.41
C LYS A 353 -16.57 3.60 13.47
N LEU A 354 -16.46 3.92 12.16
CA LEU A 354 -17.47 3.52 11.17
C LEU A 354 -17.60 2.03 11.07
N LEU A 355 -16.46 1.29 10.96
CA LEU A 355 -16.49 -0.17 10.89
C LEU A 355 -16.97 -0.80 12.20
N GLN A 356 -16.52 -0.28 13.35
CA GLN A 356 -16.97 -0.79 14.65
C GLN A 356 -18.50 -0.62 14.82
N ASP A 357 -19.06 0.57 14.47
CA ASP A 357 -20.50 0.84 14.54
C ASP A 357 -21.26 -0.06 13.56
N PHE A 358 -20.70 -0.27 12.36
CA PHE A 358 -21.32 -1.15 11.37
C PHE A 358 -21.38 -2.61 11.90
N PHE A 359 -20.41 -3.02 12.75
CA PHE A 359 -20.35 -4.36 13.34
C PHE A 359 -20.87 -4.37 14.77
N ASN A 360 -21.86 -3.53 15.03
CA ASN A 360 -22.60 -3.40 16.28
C ASN A 360 -21.69 -3.25 17.54
N GLY A 361 -20.62 -2.47 17.42
CA GLY A 361 -19.74 -2.15 18.53
C GLY A 361 -18.65 -3.17 18.83
N ARG A 362 -18.44 -4.12 17.90
CA ARG A 362 -17.42 -5.15 18.10
C ARG A 362 -16.00 -4.62 17.99
N ASP A 363 -15.08 -5.25 18.73
CA ASP A 363 -13.64 -4.94 18.71
C ASP A 363 -13.09 -5.23 17.32
N LEU A 364 -12.11 -4.44 16.89
CA LEU A 364 -11.45 -4.66 15.59
C LEU A 364 -10.01 -5.03 15.89
N ASN A 365 -9.46 -6.01 15.16
CA ASN A 365 -8.05 -6.40 15.35
C ASN A 365 -7.13 -5.41 14.63
N LYS A 366 -6.34 -4.69 15.40
CA LYS A 366 -5.38 -3.67 14.95
C LYS A 366 -4.17 -3.69 15.88
N SER A 367 -4.01 -4.79 16.61
CA SER A 367 -2.90 -4.99 17.53
C SER A 367 -1.57 -5.03 16.79
N ILE A 368 -1.58 -5.62 15.61
CA ILE A 368 -0.39 -5.67 14.78
C ILE A 368 -0.54 -4.42 13.92
N ASN A 369 0.52 -3.66 13.70
CA ASN A 369 0.38 -2.44 12.90
C ASN A 369 -0.24 -2.85 11.56
N PRO A 370 -1.32 -2.17 11.20
CA PRO A 370 -2.08 -2.53 10.00
C PRO A 370 -1.24 -2.57 8.73
N ASP A 371 -0.27 -1.68 8.62
CA ASP A 371 0.58 -1.61 7.43
C ASP A 371 1.68 -2.67 7.51
N GLU A 372 1.71 -3.44 8.62
CA GLU A 372 2.73 -4.48 8.79
C GLU A 372 2.18 -5.89 8.83
N ALA A 373 0.86 -6.04 9.04
CA ALA A 373 0.18 -7.33 9.20
C ALA A 373 0.42 -8.32 8.05
N VAL A 374 0.42 -7.83 6.81
CA VAL A 374 0.64 -8.67 5.64
C VAL A 374 2.08 -9.22 5.61
N ALA A 375 3.11 -8.36 5.78
CA ALA A 375 4.50 -8.85 5.79
C ALA A 375 4.73 -9.77 6.99
N TYR A 376 4.08 -9.47 8.15
CA TYR A 376 4.15 -10.24 9.40
C TYR A 376 3.68 -11.66 9.08
N GLY A 377 2.50 -11.77 8.50
CA GLY A 377 1.92 -13.06 8.08
C GLY A 377 2.75 -13.79 7.04
N ALA A 378 3.29 -13.05 6.05
CA ALA A 378 4.11 -13.65 4.99
C ALA A 378 5.43 -14.24 5.58
N ALA A 379 6.00 -13.57 6.61
CA ALA A 379 7.22 -14.03 7.32
C ALA A 379 6.93 -15.31 8.13
N VAL A 380 5.76 -15.39 8.76
CA VAL A 380 5.33 -16.57 9.52
C VAL A 380 5.24 -17.74 8.53
N GLN A 381 4.59 -17.52 7.39
CA GLN A 381 4.41 -18.54 6.35
C GLN A 381 5.76 -18.97 5.76
N ALA A 382 6.68 -18.02 5.52
CA ALA A 382 8.04 -18.31 5.03
C ALA A 382 8.77 -19.19 6.05
N ALA A 383 8.67 -18.89 7.37
CA ALA A 383 9.31 -19.69 8.42
C ALA A 383 8.75 -21.13 8.46
N ILE A 384 7.43 -21.30 8.29
CA ILE A 384 6.79 -22.62 8.25
C ILE A 384 7.32 -23.40 7.02
N LEU A 385 7.36 -22.75 5.83
CA LEU A 385 7.84 -23.41 4.60
C LEU A 385 9.31 -23.76 4.63
N ILE A 386 10.16 -22.89 5.20
CA ILE A 386 11.60 -23.15 5.24
C ILE A 386 11.94 -24.23 6.29
N LYS A 387 11.22 -24.28 7.44
CA LYS A 387 11.43 -25.30 8.47
C LYS A 387 10.99 -26.67 7.94
N SER A 388 9.81 -26.75 7.27
CA SER A 388 9.28 -27.99 6.70
C SER A 388 9.89 -28.24 5.33
C GB8 B . -1.37 5.90 5.20
N GB8 B . -1.09 5.95 6.62
O GB8 B . -1.38 4.55 4.78
C1 GB8 B . -0.33 6.58 4.31
N1 GB8 B . 0.08 5.84 8.54
O1 GB8 B . 1.24 3.83 3.99
C2 GB8 B . -0.65 5.91 2.98
N2 GB8 B . -3.03 7.20 7.41
O2 GB8 B . -1.73 6.56 2.32
C3 GB8 B . -1.00 4.48 3.39
N3 GB8 B . -2.83 7.81 9.73
O3 GB8 B . -0.51 8.00 4.29
C4 GB8 B . 0.10 3.48 3.23
N4 GB8 B . -1.00 7.30 11.03
C5 GB8 B . 0.09 5.48 7.28
N5 GB8 B . 1.06 4.77 6.69
C6 GB8 B . -1.11 6.54 8.74
N6 GB8 B . 6.53 7.95 6.39
C7 GB8 B . -1.85 6.60 7.57
C8 GB8 B . -3.43 7.78 8.54
C9 GB8 B . -1.63 7.20 9.86
C10 GB8 B . 2.24 4.37 7.43
C11 GB8 B . 3.39 5.32 7.17
C12 GB8 B . 4.23 5.68 8.19
C13 GB8 B . 5.31 6.57 7.97
C14 GB8 B . 5.51 7.08 6.68
C15 GB8 B . 4.62 6.70 5.65
C16 GB8 B . 3.61 5.84 5.90
C17 GB8 B . 7.35 8.27 7.38
C18 GB8 B . 7.23 7.81 8.68
C19 GB8 B . 6.22 6.96 8.98
C1 GOL C . 1.29 7.85 -1.72
O1 GOL C . 2.71 7.74 -1.78
C2 GOL C . 0.87 8.38 -0.37
O2 GOL C . 1.50 7.62 0.67
C3 GOL C . -0.63 8.29 -0.21
O3 GOL C . -1.00 8.73 1.10
C1 GOL D . -13.49 -10.25 18.47
O1 GOL D . -13.76 -11.62 18.15
C2 GOL D . -14.27 -9.30 17.60
O2 GOL D . -15.66 -9.48 17.82
C3 GOL D . -13.96 -9.44 16.13
O3 GOL D . -12.71 -8.84 15.79
C1 GOL E . 9.44 -20.67 -8.60
O1 GOL E . 9.60 -20.59 -10.00
C2 GOL E . 10.75 -20.36 -7.90
O2 GOL E . 10.68 -20.80 -6.54
C3 GOL E . 10.96 -18.87 -7.92
O3 GOL E . 12.08 -18.49 -7.13
S DMS F . -4.37 -3.71 -9.07
O DMS F . -3.18 -3.31 -8.24
C1 DMS F . -4.19 -2.99 -10.66
C2 DMS F . -5.61 -2.59 -8.44
S DMS G . 14.18 -3.30 13.73
O DMS G . 14.84 -3.38 12.41
C1 DMS G . 13.52 -4.92 14.07
C2 DMS G . 12.65 -2.46 13.54
CL CL H . -5.97 9.87 19.61
#